data_3PHZ
#
_entry.id   3PHZ
#
_cell.length_a   115.809
_cell.length_b   59.400
_cell.length_c   103.228
_cell.angle_alpha   90.000
_cell.angle_beta   90.000
_cell.angle_gamma   90.000
#
_symmetry.space_group_name_H-M   'P 21 21 2'
#
loop_
_entity.id
_entity.type
_entity.pdbx_description
1 polymer 'Ricin B-related lectin'
2 branched beta-D-galactopyranose-(1-4)-2-acetamido-2-deoxy-beta-D-glucopyranose
3 branched 'N-acetyl-alpha-neuraminic acid-(2-6)-beta-D-galactopyranose-(1-4)-2-acetamido-2-deoxy-beta-D-glucopyranose'
4 non-polymer 'N-acetyl-alpha-neuraminic acid'
5 water water
#
_entity_poly.entity_id   1
_entity_poly.type   'polypeptide(L)'
_entity_poly.pdbx_seq_one_letter_code
;MSFQGHGIYYIASAYVANTRLALSEDSSANKSPDVIISSDAVDPLNNLWLIEPVGEADTYTVRNAFAGSYMDLAGHAATD
GTAIIGYRPTGGDNQKWIISQINDVWKIKSKETGTFVTLLNGDGGGTGTVVGWQNITNNTSQNWTFQKLSQTGANVHATL
LACPALRQDFKSYLSDGLYLVLTRDQISSIWQASGLGSTPWRSEIFDCDDFATVFKGAVAKWGNENFKANGFALLCGLMF
GSKSSGAHAYNWFVERGNFSTVTFFEPQNGTYSANAWDYKAYFGLF
;
_entity_poly.pdbx_strand_id   A,B
#
loop_
_chem_comp.id
_chem_comp.type
_chem_comp.name
_chem_comp.formula
GAL D-saccharide, beta linking beta-D-galactopyranose 'C6 H12 O6'
NAG D-saccharide, beta linking 2-acetamido-2-deoxy-beta-D-glucopyranose 'C8 H15 N O6'
SIA D-saccharide, alpha linking 'N-acetyl-alpha-neuraminic acid' 'C11 H19 N O9'
#
# COMPACT_ATOMS: atom_id res chain seq x y z
N SER A 2 5.20 28.18 -17.00
CA SER A 2 4.91 29.55 -16.48
C SER A 2 4.35 29.50 -15.05
N PHE A 3 4.44 30.60 -14.34
CA PHE A 3 3.92 30.65 -12.99
C PHE A 3 2.38 30.71 -13.02
N GLN A 4 1.76 29.92 -12.14
CA GLN A 4 0.27 29.74 -12.14
C GLN A 4 -0.27 29.74 -10.68
N GLY A 5 0.42 30.40 -9.76
CA GLY A 5 0.05 30.45 -8.36
C GLY A 5 0.35 29.15 -7.65
N HIS A 6 -0.47 28.79 -6.66
CA HIS A 6 -0.27 27.59 -5.83
C HIS A 6 0.30 26.40 -6.63
N GLY A 7 1.47 25.90 -6.23
CA GLY A 7 2.05 24.84 -7.07
C GLY A 7 3.50 24.58 -6.66
N ILE A 8 4.12 23.60 -7.29
CA ILE A 8 5.52 23.29 -6.98
C ILE A 8 6.25 23.53 -8.29
N TYR A 9 7.44 24.15 -8.22
CA TYR A 9 8.03 24.65 -9.46
C TYR A 9 9.57 24.47 -9.40
N TYR A 10 10.17 24.37 -10.59
CA TYR A 10 11.54 24.84 -10.77
C TYR A 10 11.54 26.36 -10.97
N ILE A 11 12.50 27.02 -10.34
CA ILE A 11 12.67 28.46 -10.59
C ILE A 11 14.01 28.66 -11.26
N ALA A 12 13.95 28.98 -12.56
CA ALA A 12 15.14 29.00 -13.40
C ALA A 12 15.46 30.46 -13.76
N SER A 13 16.77 30.75 -13.83
CA SER A 13 17.19 32.12 -14.22
C SER A 13 16.89 32.35 -15.69
N ALA A 14 16.36 33.54 -16.02
CA ALA A 14 16.20 33.92 -17.45
C ALA A 14 17.47 34.59 -17.97
N TYR A 15 18.46 34.77 -17.10
CA TYR A 15 19.69 35.52 -17.40
C TYR A 15 20.82 34.64 -17.95
N VAL A 16 20.88 33.42 -17.44
CA VAL A 16 21.87 32.47 -17.87
C VAL A 16 21.18 31.13 -18.08
N ALA A 17 21.60 30.39 -19.11
CA ALA A 17 21.02 29.08 -19.41
C ALA A 17 21.31 28.01 -18.36
N ASN A 18 20.42 27.02 -18.31
CA ASN A 18 20.68 25.79 -17.55
C ASN A 18 20.87 25.98 -16.07
N THR A 19 20.24 27.00 -15.47
CA THR A 19 20.58 27.39 -14.10
C THR A 19 19.26 27.60 -13.35
N ARG A 20 19.11 26.93 -12.23
CA ARG A 20 17.87 27.10 -11.45
C ARG A 20 18.18 27.14 -9.98
N LEU A 21 17.19 27.50 -9.16
CA LEU A 21 17.54 27.73 -7.78
C LEU A 21 17.42 26.49 -6.92
N ALA A 22 18.28 26.37 -5.91
CA ALA A 22 18.16 25.28 -4.97
C ALA A 22 18.62 25.78 -3.62
N LEU A 23 18.49 24.96 -2.58
CA LEU A 23 18.89 25.41 -1.26
C LEU A 23 20.15 24.64 -0.86
N SER A 24 21.24 25.33 -0.45
CA SER A 24 22.43 24.58 0.03
C SER A 24 22.13 23.75 1.31
N GLU A 25 22.93 22.69 1.45
CA GLU A 25 22.86 21.72 2.55
C GLU A 25 23.62 22.25 3.79
N ASN A 30 26.73 31.33 13.86
CA ASN A 30 26.68 30.72 12.52
C ASN A 30 25.60 31.37 11.61
N LYS A 31 25.28 30.67 10.51
CA LYS A 31 24.43 31.25 9.47
C LYS A 31 23.53 30.23 8.79
N SER A 32 22.46 30.73 8.18
CA SER A 32 21.48 29.87 7.51
C SER A 32 22.00 29.43 6.14
N PRO A 33 21.45 28.32 5.60
CA PRO A 33 21.87 27.92 4.21
C PRO A 33 21.41 28.95 3.19
N ASP A 34 22.23 29.24 2.19
CA ASP A 34 21.82 30.18 1.13
C ASP A 34 21.01 29.49 0.08
N VAL A 35 20.10 30.25 -0.53
CA VAL A 35 19.56 29.85 -1.83
C VAL A 35 20.73 30.02 -2.81
N ILE A 36 20.97 29.00 -3.63
CA ILE A 36 22.10 28.99 -4.54
C ILE A 36 21.68 28.58 -5.94
N ILE A 37 22.57 28.79 -6.92
CA ILE A 37 22.32 28.27 -8.24
C ILE A 37 22.65 26.81 -8.30
N SER A 38 22.02 26.12 -9.25
CA SER A 38 22.03 24.66 -9.38
C SER A 38 21.94 24.38 -10.89
N SER A 39 22.70 23.40 -11.39
CA SER A 39 22.65 23.07 -12.81
C SER A 39 21.43 22.20 -13.15
N ASP A 40 20.77 22.47 -14.26
CA ASP A 40 19.69 21.58 -14.66
C ASP A 40 20.14 20.24 -15.26
N ALA A 41 21.45 20.02 -15.25
CA ALA A 41 22.03 18.70 -15.56
C ALA A 41 21.78 17.69 -14.43
N VAL A 42 21.42 18.19 -13.23
CA VAL A 42 21.11 17.33 -12.10
C VAL A 42 19.71 17.67 -11.57
N ASP A 43 19.11 16.73 -10.84
CA ASP A 43 17.73 16.94 -10.31
C ASP A 43 17.60 16.71 -8.81
N PRO A 44 18.50 17.31 -8.01
CA PRO A 44 18.41 17.08 -6.60
C PRO A 44 17.09 17.65 -6.06
N LEU A 45 16.51 16.96 -5.09
CA LEU A 45 15.18 17.32 -4.54
C LEU A 45 15.10 18.72 -3.98
N ASN A 46 16.24 19.27 -3.57
CA ASN A 46 16.21 20.63 -2.98
C ASN A 46 16.14 21.74 -4.05
N ASN A 47 15.93 21.36 -5.32
CA ASN A 47 15.58 22.34 -6.38
C ASN A 47 14.07 22.54 -6.54
N LEU A 48 13.27 21.87 -5.69
CA LEU A 48 11.78 21.92 -5.82
C LEU A 48 11.19 22.98 -4.85
N TRP A 49 10.41 23.91 -5.42
CA TRP A 49 9.88 24.99 -4.58
C TRP A 49 8.34 24.93 -4.54
N LEU A 50 7.81 24.87 -3.33
CA LEU A 50 6.36 24.84 -3.05
C LEU A 50 5.93 26.25 -2.76
N ILE A 51 5.09 26.79 -3.63
CA ILE A 51 4.79 28.23 -3.60
C ILE A 51 3.30 28.27 -3.24
N GLU A 52 3.00 28.96 -2.16
CA GLU A 52 1.66 28.92 -1.53
C GLU A 52 1.15 30.34 -1.30
N PRO A 53 -0.08 30.59 -1.71
CA PRO A 53 -0.59 31.96 -1.60
C PRO A 53 -0.87 32.36 -0.17
N VAL A 54 -0.46 33.55 0.22
CA VAL A 54 -0.73 34.09 1.55
C VAL A 54 -1.26 35.51 1.40
N GLY A 55 -2.52 35.70 1.80
CA GLY A 55 -3.22 36.99 1.74
C GLY A 55 -3.53 37.57 0.35
N GLU A 56 -2.75 38.60 0.01
CA GLU A 56 -2.90 39.49 -1.12
C GLU A 56 -2.76 38.86 -2.52
N ALA A 57 -3.20 39.62 -3.52
CA ALA A 57 -2.91 39.25 -4.90
C ALA A 57 -1.39 39.13 -5.16
N ASP A 58 -1.06 38.13 -5.97
CA ASP A 58 0.31 37.92 -6.36
C ASP A 58 1.28 37.73 -5.15
N THR A 59 0.82 37.57 -3.91
CA THR A 59 1.73 37.28 -2.75
C THR A 59 1.82 35.81 -2.28
N TYR A 60 3.05 35.33 -2.04
CA TYR A 60 3.23 33.89 -1.80
C TYR A 60 4.35 33.67 -0.83
N THR A 61 4.31 32.57 -0.09
CA THR A 61 5.53 32.03 0.48
C THR A 61 6.18 31.02 -0.54
N VAL A 62 7.51 30.87 -0.43
CA VAL A 62 8.26 30.04 -1.40
C VAL A 62 9.09 29.11 -0.52
N ARG A 63 8.64 27.85 -0.38
CA ARG A 63 9.19 26.96 0.58
C ARG A 63 9.99 25.87 -0.14
N ASN A 64 11.10 25.49 0.44
CA ASN A 64 11.87 24.39 -0.14
C ASN A 64 11.17 23.10 0.27
N ALA A 65 10.73 22.29 -0.71
CA ALA A 65 9.86 21.13 -0.41
C ALA A 65 10.71 20.12 0.39
N PHE A 66 11.99 20.00 -0.03
CA PHE A 66 12.91 19.05 0.57
C PHE A 66 13.29 19.47 1.97
N ALA A 67 13.85 20.67 2.16
CA ALA A 67 14.37 21.05 3.50
C ALA A 67 13.30 21.54 4.44
N GLY A 68 12.15 21.94 3.90
CA GLY A 68 11.03 22.52 4.66
C GLY A 68 11.19 24.00 5.04
N SER A 69 12.33 24.58 4.80
CA SER A 69 12.55 25.98 5.15
C SER A 69 12.04 26.92 4.07
N TYR A 70 11.98 28.21 4.39
CA TYR A 70 11.38 29.21 3.54
C TYR A 70 12.38 30.19 3.02
N MET A 71 12.23 30.49 1.73
CA MET A 71 12.98 31.53 1.09
C MET A 71 12.76 32.85 1.85
N ASP A 72 13.86 33.47 2.25
CA ASP A 72 13.83 34.52 3.29
C ASP A 72 14.91 35.55 2.99
N LEU A 73 14.56 36.85 3.01
CA LEU A 73 15.55 37.91 2.80
C LEU A 73 16.19 38.18 4.15
N ALA A 74 17.46 37.81 4.23
CA ALA A 74 18.21 37.68 5.47
C ALA A 74 18.17 38.98 6.30
N GLY A 75 17.72 38.85 7.54
CA GLY A 75 17.73 40.01 8.46
C GLY A 75 16.82 41.15 8.05
N HIS A 76 15.89 40.88 7.13
CA HIS A 76 14.94 41.88 6.62
C HIS A 76 15.59 43.04 5.85
N ALA A 77 16.87 42.91 5.48
CA ALA A 77 17.67 44.04 4.96
C ALA A 77 17.30 44.42 3.52
N ALA A 78 17.11 45.73 3.27
CA ALA A 78 16.82 46.25 1.95
C ALA A 78 18.11 46.48 1.16
N THR A 79 19.23 46.29 1.82
CA THR A 79 20.53 46.63 1.28
C THR A 79 20.73 45.80 0.03
N ASP A 80 21.31 46.40 -1.01
CA ASP A 80 21.74 45.63 -2.18
C ASP A 80 22.76 44.59 -1.77
N GLY A 81 22.55 43.33 -2.20
CA GLY A 81 23.50 42.25 -1.95
C GLY A 81 23.16 41.40 -0.73
N THR A 82 22.04 41.72 -0.06
CA THR A 82 21.53 40.93 1.07
C THR A 82 21.28 39.47 0.62
N ALA A 83 21.86 38.50 1.33
CA ALA A 83 21.65 37.09 1.02
C ALA A 83 20.18 36.67 1.05
N ILE A 84 19.81 35.79 0.11
CA ILE A 84 18.52 35.09 0.17
C ILE A 84 18.89 33.75 0.78
N ILE A 85 18.21 33.36 1.84
CA ILE A 85 18.50 32.14 2.59
C ILE A 85 17.24 31.23 2.73
N GLY A 86 17.43 30.01 3.25
CA GLY A 86 16.32 29.15 3.64
C GLY A 86 16.19 29.29 5.16
N TYR A 87 15.02 29.71 5.63
CA TYR A 87 14.87 29.91 7.10
C TYR A 87 13.57 29.29 7.64
N ARG A 88 13.55 28.96 8.94
CA ARG A 88 12.34 28.40 9.52
C ARG A 88 11.16 29.39 9.36
N PRO A 89 9.90 28.89 9.30
CA PRO A 89 8.75 29.83 9.08
C PRO A 89 8.60 30.86 10.21
N THR A 90 8.51 32.14 9.88
CA THR A 90 8.29 33.19 10.89
C THR A 90 6.96 33.94 10.70
N GLY A 91 6.32 33.78 9.56
CA GLY A 91 5.14 34.61 9.25
C GLY A 91 5.53 36.05 8.88
N GLY A 92 6.84 36.35 8.92
CA GLY A 92 7.39 37.69 8.59
C GLY A 92 7.30 38.08 7.13
N ASP A 93 7.28 39.38 6.83
CA ASP A 93 7.03 39.82 5.46
C ASP A 93 8.27 39.56 4.55
N ASN A 94 9.41 39.33 5.21
CA ASN A 94 10.65 38.97 4.51
C ASN A 94 10.65 37.48 4.10
N GLN A 95 9.53 36.79 4.33
CA GLN A 95 9.33 35.41 3.77
C GLN A 95 8.15 35.40 2.80
N LYS A 96 7.66 36.60 2.46
CA LYS A 96 6.59 36.76 1.50
C LYS A 96 7.07 37.44 0.23
N TRP A 97 6.60 36.93 -0.90
CA TRP A 97 7.17 37.30 -2.21
C TRP A 97 6.05 37.61 -3.19
N ILE A 98 6.18 38.77 -3.84
CA ILE A 98 5.28 39.13 -4.93
C ILE A 98 5.85 38.58 -6.25
N ILE A 99 5.08 37.70 -6.85
CA ILE A 99 5.54 37.04 -8.07
C ILE A 99 4.64 37.50 -9.18
N SER A 100 5.20 38.29 -10.09
CA SER A 100 4.33 38.95 -11.09
C SER A 100 5.09 39.13 -12.37
N GLN A 101 4.38 39.36 -13.47
CA GLN A 101 5.01 39.63 -14.74
C GLN A 101 4.53 41.00 -15.28
N ILE A 102 5.30 41.64 -16.14
CA ILE A 102 4.84 42.90 -16.77
C ILE A 102 4.98 42.89 -18.31
N ASN A 103 4.63 41.76 -18.95
CA ASN A 103 5.06 41.49 -20.34
C ASN A 103 5.56 40.05 -20.49
N ASP A 104 5.01 39.15 -19.70
CA ASP A 104 5.51 37.76 -19.64
C ASP A 104 6.98 37.64 -19.10
N VAL A 105 7.49 38.73 -18.53
CA VAL A 105 8.77 38.69 -17.81
C VAL A 105 8.48 38.65 -16.28
N TRP A 106 8.87 37.54 -15.62
CA TRP A 106 8.58 37.30 -14.19
C TRP A 106 9.66 37.72 -13.22
N LYS A 107 9.26 38.41 -12.18
CA LYS A 107 10.16 38.87 -11.11
C LYS A 107 9.69 38.36 -9.78
N ILE A 108 10.61 38.29 -8.82
CA ILE A 108 10.28 37.86 -7.47
C ILE A 108 10.67 38.97 -6.51
N LYS A 109 9.66 39.68 -5.95
CA LYS A 109 9.96 40.89 -5.19
C LYS A 109 9.59 40.69 -3.71
N SER A 110 10.46 41.11 -2.80
CA SER A 110 10.20 41.03 -1.37
C SER A 110 8.98 41.90 -1.02
N LYS A 111 8.01 41.28 -0.35
CA LYS A 111 6.80 41.98 0.10
C LYS A 111 7.27 43.08 1.06
N GLU A 112 8.29 42.80 1.88
CA GLU A 112 8.74 43.76 2.89
C GLU A 112 9.55 44.94 2.32
N THR A 113 10.63 44.64 1.59
CA THR A 113 11.55 45.67 1.15
C THR A 113 11.33 46.23 -0.23
N GLY A 114 10.60 45.51 -1.08
CA GLY A 114 10.45 45.80 -2.49
C GLY A 114 11.75 45.54 -3.30
N THR A 115 12.74 44.90 -2.68
CA THR A 115 13.93 44.48 -3.45
C THR A 115 13.65 43.11 -4.10
N PHE A 116 14.43 42.78 -5.13
CA PHE A 116 14.19 41.62 -6.01
C PHE A 116 15.20 40.53 -5.87
N VAL A 117 14.73 39.29 -6.04
CA VAL A 117 15.62 38.14 -6.09
C VAL A 117 16.44 38.26 -7.36
N THR A 118 17.75 38.26 -7.18
CA THR A 118 18.73 38.68 -8.22
C THR A 118 19.84 37.67 -8.34
N LEU A 119 20.15 37.28 -9.58
CA LEU A 119 21.36 36.44 -9.77
C LEU A 119 22.54 37.43 -9.94
N LEU A 120 23.44 37.43 -8.97
CA LEU A 120 24.49 38.47 -8.90
C LEU A 120 25.77 37.82 -9.42
N ASN A 121 26.45 38.49 -10.38
CA ASN A 121 27.74 38.03 -10.89
C ASN A 121 27.62 36.64 -11.54
N GLY A 122 26.48 36.42 -12.18
CA GLY A 122 26.21 35.20 -12.92
C GLY A 122 26.86 35.35 -14.28
N GLY A 126 28.83 28.29 -13.33
CA GLY A 126 29.06 27.86 -11.95
C GLY A 126 29.34 29.01 -11.00
N THR A 127 29.14 30.23 -11.49
CA THR A 127 29.40 31.37 -10.63
C THR A 127 28.09 32.13 -10.43
N GLY A 128 28.02 32.92 -9.37
CA GLY A 128 26.81 33.71 -9.18
C GLY A 128 26.22 33.41 -7.82
N THR A 129 25.66 34.44 -7.21
CA THR A 129 25.05 34.29 -5.89
C THR A 129 23.61 34.80 -6.02
N VAL A 130 22.78 34.46 -5.04
CA VAL A 130 21.39 34.79 -5.16
C VAL A 130 21.10 35.80 -4.03
N VAL A 131 20.75 37.05 -4.39
CA VAL A 131 20.66 38.07 -3.35
C VAL A 131 19.45 38.95 -3.62
N GLY A 132 19.11 39.81 -2.67
CA GLY A 132 18.14 40.86 -2.91
C GLY A 132 18.84 42.12 -3.43
N TRP A 133 18.19 42.77 -4.37
CA TRP A 133 18.73 43.98 -5.02
C TRP A 133 17.62 44.90 -5.51
N GLN A 134 17.90 46.22 -5.50
CA GLN A 134 16.96 47.18 -6.06
C GLN A 134 16.74 46.92 -7.52
N ASN A 135 15.67 47.49 -8.09
CA ASN A 135 15.34 47.24 -9.49
C ASN A 135 16.56 47.47 -10.40
N ILE A 136 16.84 46.51 -11.26
CA ILE A 136 17.93 46.60 -12.24
C ILE A 136 17.27 46.70 -13.62
N THR A 137 17.62 47.70 -14.41
CA THR A 137 16.99 47.79 -15.74
C THR A 137 17.97 47.64 -16.90
N ASN A 138 19.23 47.31 -16.66
CA ASN A 138 20.16 47.16 -17.77
C ASN A 138 20.65 45.72 -18.00
N ASN A 139 20.07 44.80 -17.24
CA ASN A 139 20.31 43.36 -17.49
C ASN A 139 19.10 42.56 -17.00
N THR A 140 19.06 41.29 -17.33
CA THR A 140 17.84 40.49 -16.99
C THR A 140 18.08 39.57 -15.79
N SER A 141 19.06 39.91 -14.97
CA SER A 141 19.47 39.07 -13.81
C SER A 141 18.40 38.93 -12.75
N GLN A 142 17.35 39.75 -12.82
CA GLN A 142 16.16 39.65 -11.88
C GLN A 142 14.96 38.96 -12.51
N ASN A 143 15.17 38.36 -13.69
CA ASN A 143 14.07 37.67 -14.41
C ASN A 143 14.25 36.17 -14.24
N TRP A 144 13.11 35.53 -14.03
CA TRP A 144 13.04 34.09 -13.63
C TRP A 144 11.94 33.44 -14.42
N THR A 145 12.06 32.14 -14.66
CA THR A 145 11.03 31.39 -15.36
C THR A 145 10.61 30.29 -14.39
N PHE A 146 9.35 29.88 -14.49
CA PHE A 146 8.81 28.96 -13.47
C PHE A 146 8.24 27.82 -14.27
N GLN A 147 8.76 26.61 -14.02
CA GLN A 147 8.25 25.39 -14.63
C GLN A 147 7.39 24.70 -13.59
N LYS A 148 6.10 24.55 -13.90
CA LYS A 148 5.18 23.92 -12.91
C LYS A 148 5.37 22.41 -12.99
N LEU A 149 5.43 21.78 -11.79
CA LEU A 149 5.70 20.35 -11.64
C LEU A 149 4.56 19.67 -10.87
N SER A 150 3.52 20.42 -10.56
CA SER A 150 2.40 19.91 -9.78
C SER A 150 1.09 20.01 -10.57
N GLN A 151 0.10 19.28 -10.05
CA GLN A 151 -1.29 19.37 -10.52
C GLN A 151 -2.14 19.45 -9.29
N THR A 152 -3.28 20.11 -9.40
CA THR A 152 -4.25 20.06 -8.25
C THR A 152 -5.15 18.79 -8.44
N GLY A 153 -5.90 18.40 -7.40
CA GLY A 153 -6.92 17.37 -7.53
C GLY A 153 -7.88 17.64 -8.68
N ALA A 154 -8.32 18.89 -8.81
CA ALA A 154 -9.24 19.23 -9.89
C ALA A 154 -8.66 18.93 -11.29
N ASN A 155 -7.37 19.30 -11.46
CA ASN A 155 -6.64 19.02 -12.69
C ASN A 155 -6.62 17.54 -12.97
N VAL A 156 -6.26 16.72 -11.97
CA VAL A 156 -6.06 15.29 -12.19
C VAL A 156 -7.40 14.63 -12.54
N HIS A 157 -8.44 14.94 -11.80
CA HIS A 157 -9.79 14.41 -12.14
C HIS A 157 -10.21 14.76 -13.58
N ALA A 158 -9.92 15.99 -14.03
CA ALA A 158 -10.24 16.37 -15.43
C ALA A 158 -9.45 15.58 -16.46
N THR A 159 -8.17 15.33 -16.15
CA THR A 159 -7.30 14.55 -17.01
C THR A 159 -7.78 13.12 -17.17
N LEU A 160 -8.22 12.50 -16.07
CA LEU A 160 -8.73 11.13 -16.13
C LEU A 160 -9.96 11.05 -17.03
N LEU A 161 -10.87 11.99 -16.87
CA LEU A 161 -12.12 11.96 -17.67
C LEU A 161 -11.80 12.18 -19.17
N ALA A 162 -10.80 13.01 -19.47
CA ALA A 162 -10.39 13.30 -20.84
C ALA A 162 -9.46 12.23 -21.52
N CYS A 163 -8.93 11.34 -20.71
CA CYS A 163 -7.87 10.42 -21.15
C CYS A 163 -8.53 9.37 -22.02
N PRO A 164 -8.11 9.25 -23.31
CA PRO A 164 -8.81 8.28 -24.15
C PRO A 164 -8.81 6.83 -23.62
N ALA A 165 -7.74 6.42 -22.94
CA ALA A 165 -7.62 5.10 -22.37
C ALA A 165 -8.54 4.86 -21.17
N LEU A 166 -9.12 5.94 -20.61
CA LEU A 166 -9.93 5.81 -19.36
C LEU A 166 -11.38 6.36 -19.54
N ARG A 167 -11.52 7.60 -19.99
CA ARG A 167 -12.84 8.22 -20.14
C ARG A 167 -13.74 8.04 -18.92
N GLN A 168 -13.15 8.27 -17.74
CA GLN A 168 -13.90 8.06 -16.50
C GLN A 168 -13.09 8.73 -15.39
N ASP A 169 -13.74 9.02 -14.28
CA ASP A 169 -13.04 9.61 -13.16
C ASP A 169 -12.84 8.56 -12.05
N PHE A 170 -11.80 8.79 -11.25
CA PHE A 170 -11.50 7.99 -10.07
C PHE A 170 -11.62 8.85 -8.82
N LYS A 171 -12.00 8.25 -7.71
CA LYS A 171 -12.04 8.94 -6.42
C LYS A 171 -10.63 9.33 -5.92
N SER A 172 -10.50 10.51 -5.38
CA SER A 172 -9.31 10.86 -4.64
C SER A 172 -9.57 10.94 -3.15
N TYR A 173 -8.57 10.52 -2.36
CA TYR A 173 -8.72 10.69 -0.92
C TYR A 173 -8.84 12.17 -0.55
N LEU A 174 -7.93 12.98 -1.08
CA LEU A 174 -7.97 14.40 -0.78
C LEU A 174 -9.06 15.08 -1.64
N SER A 175 -9.71 16.10 -1.11
CA SER A 175 -10.71 16.76 -1.97
C SER A 175 -10.20 17.98 -2.66
N ASP A 176 -9.11 18.56 -2.18
CA ASP A 176 -8.52 19.67 -2.93
C ASP A 176 -7.00 19.61 -2.80
N GLY A 177 -6.43 18.46 -3.16
CA GLY A 177 -5.01 18.27 -2.86
C GLY A 177 -4.12 18.99 -3.88
N LEU A 178 -2.83 19.13 -3.53
CA LEU A 178 -1.82 19.55 -4.51
C LEU A 178 -0.86 18.33 -4.64
N TYR A 179 -0.61 17.90 -5.88
CA TYR A 179 0.19 16.72 -6.16
C TYR A 179 1.45 17.05 -6.92
N LEU A 180 2.57 16.59 -6.40
CA LEU A 180 3.85 16.62 -7.14
C LEU A 180 3.85 15.49 -8.17
N VAL A 181 4.19 15.85 -9.40
CA VAL A 181 4.30 14.87 -10.49
C VAL A 181 5.76 14.42 -10.54
N LEU A 182 6.00 13.15 -10.31
CA LEU A 182 7.39 12.64 -10.26
C LEU A 182 7.93 12.44 -11.68
N THR A 183 9.28 12.41 -11.79
CA THR A 183 9.91 11.97 -13.06
C THR A 183 9.94 10.47 -13.12
N ARG A 184 10.08 9.93 -14.33
CA ARG A 184 10.25 8.50 -14.46
C ARG A 184 11.51 8.01 -13.79
N ASP A 185 12.60 8.77 -13.85
CA ASP A 185 13.73 8.39 -13.02
C ASP A 185 13.41 8.20 -11.53
N GLN A 186 12.64 9.13 -10.95
CA GLN A 186 12.22 8.99 -9.57
C GLN A 186 11.34 7.77 -9.32
N ILE A 187 10.32 7.59 -10.17
CA ILE A 187 9.38 6.48 -9.99
C ILE A 187 10.17 5.15 -10.06
N SER A 188 11.01 5.03 -11.10
CA SER A 188 11.85 3.84 -11.27
C SER A 188 12.78 3.59 -10.10
N SER A 189 13.35 4.65 -9.51
CA SER A 189 14.25 4.47 -8.39
C SER A 189 13.51 3.89 -7.15
N ILE A 190 12.31 4.44 -6.89
CA ILE A 190 11.44 3.95 -5.81
C ILE A 190 11.08 2.47 -6.09
N TRP A 191 10.77 2.17 -7.35
CA TRP A 191 10.41 0.78 -7.73
C TRP A 191 11.61 -0.19 -7.54
N GLN A 192 12.78 0.23 -7.99
CA GLN A 192 14.00 -0.61 -7.83
C GLN A 192 14.28 -0.88 -6.38
N ALA A 193 14.08 0.12 -5.52
CA ALA A 193 14.35 -0.10 -4.10
C ALA A 193 13.33 -1.01 -3.43
N SER A 194 12.12 -1.05 -3.99
CA SER A 194 11.04 -1.80 -3.36
C SER A 194 11.27 -3.29 -3.42
N GLY A 195 12.04 -3.75 -4.41
CA GLY A 195 12.23 -5.21 -4.54
C GLY A 195 10.99 -5.94 -5.13
N LEU A 196 9.96 -5.18 -5.50
CA LEU A 196 8.84 -5.83 -6.21
C LEU A 196 9.23 -6.59 -7.46
N GLY A 197 10.26 -6.09 -8.15
CA GLY A 197 10.68 -6.74 -9.39
C GLY A 197 11.24 -8.13 -9.18
N SER A 198 11.67 -8.40 -7.95
CA SER A 198 12.14 -9.74 -7.64
C SER A 198 11.20 -10.55 -6.77
N THR A 199 9.97 -10.07 -6.65
CA THR A 199 8.93 -10.74 -5.85
C THR A 199 8.00 -11.44 -6.84
N PRO A 200 7.94 -12.79 -6.81
CA PRO A 200 7.11 -13.48 -7.81
C PRO A 200 5.62 -13.22 -7.59
N TRP A 201 4.89 -13.06 -8.69
CA TRP A 201 3.43 -13.15 -8.65
C TRP A 201 2.96 -14.52 -8.21
N ARG A 202 1.96 -14.59 -7.29
CA ARG A 202 1.36 -15.85 -6.89
C ARG A 202 -0.15 -15.62 -6.72
N SER A 203 -0.92 -16.58 -7.19
CA SER A 203 -2.38 -16.47 -7.24
C SER A 203 -2.96 -16.15 -5.87
N GLU A 204 -3.65 -15.00 -5.78
CA GLU A 204 -4.30 -14.45 -4.58
C GLU A 204 -3.38 -14.00 -3.48
N ILE A 205 -2.37 -14.79 -3.11
CA ILE A 205 -1.53 -14.50 -1.97
C ILE A 205 -0.49 -13.37 -2.22
N PHE A 206 -0.06 -13.24 -3.49
CA PHE A 206 0.67 -12.02 -3.87
C PHE A 206 0.35 -11.63 -5.29
N ASP A 207 -0.86 -11.06 -5.43
CA ASP A 207 -1.48 -10.88 -6.74
C ASP A 207 -1.28 -9.45 -7.27
N CYS A 208 -1.90 -9.10 -8.41
CA CYS A 208 -1.61 -7.75 -9.03
C CYS A 208 -2.00 -6.60 -8.13
N ASP A 209 -3.09 -6.78 -7.39
CA ASP A 209 -3.50 -5.70 -6.51
C ASP A 209 -2.46 -5.48 -5.41
N ASP A 210 -1.81 -6.56 -4.99
CA ASP A 210 -0.80 -6.44 -3.96
C ASP A 210 0.43 -5.69 -4.48
N PHE A 211 0.84 -5.98 -5.72
CA PHE A 211 1.95 -5.20 -6.27
C PHE A 211 1.60 -3.70 -6.32
N ALA A 212 0.43 -3.39 -6.83
CA ALA A 212 0.05 -1.98 -6.98
C ALA A 212 -0.22 -1.27 -5.66
N THR A 213 -0.71 -1.99 -4.67
CA THR A 213 -0.87 -1.42 -3.32
C THR A 213 0.44 -1.17 -2.64
N VAL A 214 1.30 -2.17 -2.68
CA VAL A 214 2.61 -2.06 -2.07
C VAL A 214 3.39 -0.88 -2.73
N PHE A 215 3.33 -0.82 -4.07
CA PHE A 215 4.06 0.27 -4.74
C PHE A 215 3.50 1.64 -4.38
N LYS A 216 2.14 1.78 -4.34
CA LYS A 216 1.57 3.05 -3.91
C LYS A 216 2.04 3.46 -2.50
N GLY A 217 2.08 2.51 -1.56
CA GLY A 217 2.62 2.76 -0.24
C GLY A 217 4.09 3.14 -0.29
N ALA A 218 4.86 2.50 -1.15
CA ALA A 218 6.29 2.82 -1.26
C ALA A 218 6.54 4.24 -1.76
N VAL A 219 5.70 4.73 -2.69
CA VAL A 219 5.85 6.09 -3.17
C VAL A 219 5.47 7.05 -2.00
N ALA A 220 4.42 6.70 -1.23
CA ALA A 220 4.01 7.60 -0.15
C ALA A 220 5.16 7.68 0.91
N LYS A 221 5.77 6.53 1.22
CA LYS A 221 6.85 6.48 2.20
C LYS A 221 8.09 7.24 1.72
N TRP A 222 8.40 7.10 0.44
CA TRP A 222 9.51 7.85 -0.13
C TRP A 222 9.27 9.37 -0.03
N GLY A 223 8.05 9.84 -0.30
CA GLY A 223 7.77 11.26 -0.15
C GLY A 223 7.93 11.66 1.32
N ASN A 224 7.49 10.80 2.24
CA ASN A 224 7.49 11.13 3.63
C ASN A 224 8.96 11.27 4.11
N GLU A 225 9.77 10.39 3.62
CA GLU A 225 11.19 10.33 4.09
C GLU A 225 11.98 11.48 3.51
N ASN A 226 11.58 11.96 2.34
CA ASN A 226 12.39 12.95 1.63
C ASN A 226 11.95 14.42 1.74
N PHE A 227 10.68 14.68 1.96
CA PHE A 227 10.21 16.07 1.97
C PHE A 227 9.80 16.52 3.36
N LYS A 228 10.48 17.54 3.85
CA LYS A 228 10.16 18.08 5.20
C LYS A 228 8.99 19.02 5.15
N ALA A 229 8.69 19.57 3.97
CA ALA A 229 7.49 20.41 3.78
C ALA A 229 6.24 19.53 3.84
N ASN A 230 5.12 20.13 4.20
CA ASN A 230 3.86 19.45 4.07
C ASN A 230 2.98 20.20 3.09
N GLY A 231 1.69 19.87 3.04
CA GLY A 231 0.77 20.54 2.13
C GLY A 231 0.78 20.13 0.67
N PHE A 232 1.37 18.99 0.35
CA PHE A 232 1.25 18.41 -0.97
C PHE A 232 1.41 16.88 -0.86
N ALA A 233 0.97 16.14 -1.87
CA ALA A 233 1.11 14.70 -1.90
C ALA A 233 1.87 14.32 -3.16
N LEU A 234 2.38 13.10 -3.20
CA LEU A 234 2.99 12.63 -4.47
C LEU A 234 1.92 11.91 -5.24
N LEU A 235 1.61 12.36 -6.46
CA LEU A 235 0.56 11.61 -7.20
C LEU A 235 1.01 10.15 -7.47
N CYS A 236 0.14 9.21 -7.10
CA CYS A 236 0.37 7.78 -7.42
C CYS A 236 -1.02 7.09 -7.39
N GLY A 237 -1.56 6.80 -8.56
CA GLY A 237 -2.87 6.19 -8.67
C GLY A 237 -2.81 4.69 -8.62
N LEU A 238 -3.96 4.10 -8.38
CA LEU A 238 -4.20 2.68 -8.58
C LEU A 238 -5.35 2.55 -9.57
N MET A 239 -5.35 1.52 -10.41
CA MET A 239 -6.50 1.19 -11.28
C MET A 239 -6.61 -0.30 -11.40
N PHE A 240 -7.86 -0.78 -11.53
CA PHE A 240 -8.14 -2.20 -11.82
C PHE A 240 -8.75 -2.22 -13.20
N GLY A 241 -8.33 -3.17 -14.03
CA GLY A 241 -8.74 -3.19 -15.42
C GLY A 241 -8.97 -4.62 -15.83
N SER A 242 -9.66 -4.79 -16.97
CA SER A 242 -9.84 -6.13 -17.49
C SER A 242 -9.89 -6.17 -19.00
N LYS A 243 -9.83 -7.39 -19.49
CA LYS A 243 -10.14 -7.70 -20.86
C LYS A 243 -10.66 -9.13 -20.82
N SER A 244 -10.92 -9.72 -21.98
CA SER A 244 -11.47 -11.08 -22.06
C SER A 244 -10.65 -12.09 -21.19
N SER A 245 -9.32 -11.93 -21.19
CA SER A 245 -8.42 -12.85 -20.46
C SER A 245 -8.45 -12.81 -18.90
N GLY A 246 -8.99 -11.73 -18.31
CA GLY A 246 -9.14 -11.61 -16.83
C GLY A 246 -8.73 -10.22 -16.30
N ALA A 247 -8.68 -10.08 -14.98
CA ALA A 247 -8.40 -8.79 -14.26
C ALA A 247 -6.90 -8.47 -14.08
N HIS A 248 -6.57 -7.19 -13.89
CA HIS A 248 -5.19 -6.76 -13.66
C HIS A 248 -5.24 -5.47 -12.85
N ALA A 249 -4.17 -5.18 -12.12
CA ALA A 249 -4.07 -3.91 -11.42
C ALA A 249 -2.76 -3.22 -11.82
N TYR A 250 -2.85 -1.90 -11.95
CA TYR A 250 -1.74 -1.02 -12.36
C TYR A 250 -1.64 0.18 -11.47
N ASN A 251 -0.48 0.83 -11.48
CA ASN A 251 -0.41 2.15 -10.93
C ASN A 251 -0.51 3.12 -12.09
N TRP A 252 -0.73 4.39 -11.80
CA TRP A 252 -0.80 5.40 -12.85
C TRP A 252 -0.31 6.74 -12.37
N PHE A 253 0.18 7.54 -13.33
CA PHE A 253 0.82 8.82 -13.08
C PHE A 253 0.44 9.73 -14.22
N VAL A 254 0.83 11.01 -14.13
CA VAL A 254 0.76 11.86 -15.36
C VAL A 254 2.15 12.28 -15.71
N GLU A 255 2.32 12.82 -16.92
CA GLU A 255 3.69 13.21 -17.39
C GLU A 255 4.03 14.66 -17.12
N ARG A 256 5.27 14.93 -16.70
CA ARG A 256 5.64 16.32 -16.53
C ARG A 256 5.60 17.09 -17.84
N GLY A 257 5.94 16.42 -18.93
CA GLY A 257 5.93 17.15 -20.21
C GLY A 257 4.57 17.41 -20.83
N ASN A 258 3.56 16.70 -20.33
CA ASN A 258 2.19 16.94 -20.80
C ASN A 258 1.27 16.35 -19.74
N PHE A 259 0.72 17.23 -18.90
CA PHE A 259 0.04 16.74 -17.69
C PHE A 259 -1.30 16.05 -18.04
N SER A 260 -1.78 16.29 -19.26
CA SER A 260 -2.96 15.52 -19.78
C SER A 260 -2.66 14.11 -20.14
N THR A 261 -1.38 13.72 -20.18
CA THR A 261 -1.04 12.35 -20.62
C THR A 261 -0.96 11.48 -19.40
N VAL A 262 -1.84 10.48 -19.33
CA VAL A 262 -1.70 9.50 -18.26
C VAL A 262 -0.76 8.37 -18.69
N THR A 263 0.08 7.96 -17.75
CA THR A 263 1.00 6.84 -18.00
C THR A 263 0.71 5.75 -16.99
N PHE A 264 0.56 4.51 -17.46
CA PHE A 264 0.30 3.38 -16.64
C PHE A 264 1.62 2.67 -16.29
N PHE A 265 1.72 2.13 -15.09
CA PHE A 265 2.94 1.57 -14.57
C PHE A 265 2.65 0.17 -14.06
N GLU A 266 3.44 -0.82 -14.48
CA GLU A 266 3.27 -2.19 -14.08
C GLU A 266 4.25 -2.53 -12.94
N PRO A 267 3.77 -2.60 -11.68
CA PRO A 267 4.70 -2.69 -10.55
C PRO A 267 5.33 -4.10 -10.42
N GLN A 268 4.88 -5.05 -11.23
CA GLN A 268 5.54 -6.41 -11.26
C GLN A 268 6.89 -6.31 -11.92
N ASN A 269 7.04 -5.38 -12.87
CA ASN A 269 8.30 -5.38 -13.65
C ASN A 269 8.85 -4.00 -13.95
N GLY A 270 8.22 -2.96 -13.41
CA GLY A 270 8.80 -1.63 -13.53
C GLY A 270 8.66 -1.01 -14.91
N THR A 271 7.63 -1.40 -15.68
CA THR A 271 7.46 -0.90 -17.06
C THR A 271 6.34 0.09 -17.19
N TYR A 272 6.42 0.91 -18.24
CA TYR A 272 5.44 2.01 -18.47
C TYR A 272 4.70 1.81 -19.79
N SER A 273 3.45 2.24 -19.85
CA SER A 273 2.75 2.24 -21.16
C SER A 273 1.75 3.35 -21.19
N ALA A 274 1.43 3.78 -22.40
CA ALA A 274 0.43 4.81 -22.59
C ALA A 274 -1.00 4.24 -22.61
N ASN A 275 -1.13 2.93 -22.79
CA ASN A 275 -2.48 2.37 -23.07
C ASN A 275 -2.91 1.29 -22.10
N ALA A 276 -2.17 1.16 -20.98
CA ALA A 276 -2.47 0.18 -19.93
C ALA A 276 -2.50 -1.23 -20.49
N TRP A 277 -1.66 -1.49 -21.51
CA TRP A 277 -1.52 -2.84 -22.10
C TRP A 277 -2.90 -3.34 -22.59
N ASP A 278 -3.71 -2.38 -23.03
CA ASP A 278 -5.09 -2.59 -23.55
C ASP A 278 -6.10 -3.08 -22.52
N TYR A 279 -5.77 -2.91 -21.25
CA TYR A 279 -6.76 -3.23 -20.21
C TYR A 279 -7.73 -2.04 -20.15
N LYS A 280 -9.02 -2.35 -19.96
CA LYS A 280 -10.01 -1.31 -19.85
C LYS A 280 -10.28 -1.15 -18.38
N ALA A 281 -10.04 0.03 -17.85
CA ALA A 281 -10.25 0.26 -16.40
C ALA A 281 -11.70 0.29 -16.03
N TYR A 282 -12.00 -0.25 -14.85
CA TYR A 282 -13.34 -0.14 -14.30
C TYR A 282 -13.31 0.42 -12.90
N PHE A 283 -12.10 0.64 -12.32
CA PHE A 283 -12.03 1.10 -10.92
C PHE A 283 -10.70 1.75 -10.70
N GLY A 284 -10.62 2.75 -9.83
CA GLY A 284 -9.27 3.31 -9.50
C GLY A 284 -9.35 4.33 -8.39
N LEU A 285 -8.20 4.86 -7.97
CA LEU A 285 -8.14 5.70 -6.78
C LEU A 285 -6.85 6.49 -6.86
N PHE A 286 -6.81 7.66 -6.22
CA PHE A 286 -5.55 8.35 -6.03
C PHE A 286 -5.64 9.22 -4.78
N SER B 2 -17.41 -26.10 11.61
CA SER B 2 -17.36 -27.47 11.04
C SER B 2 -16.95 -27.37 9.57
N PHE B 3 -16.72 -28.52 8.95
CA PHE B 3 -16.18 -28.60 7.58
C PHE B 3 -17.17 -28.09 6.53
N GLN B 4 -16.75 -27.14 5.68
CA GLN B 4 -17.63 -26.51 4.68
C GLN B 4 -16.98 -26.50 3.26
N GLY B 5 -16.10 -27.47 3.03
CA GLY B 5 -15.36 -27.73 1.74
C GLY B 5 -14.21 -26.71 1.64
N HIS B 6 -13.92 -26.24 0.43
CA HIS B 6 -12.88 -25.19 0.21
C HIS B 6 -12.82 -24.13 1.34
N GLY B 7 -11.65 -24.03 2.00
CA GLY B 7 -11.53 -23.15 3.11
C GLY B 7 -10.17 -23.38 3.79
N ILE B 8 -9.90 -22.50 4.74
CA ILE B 8 -8.72 -22.64 5.64
C ILE B 8 -9.24 -23.02 7.01
N TYR B 9 -8.63 -24.02 7.63
CA TYR B 9 -9.12 -24.58 8.88
C TYR B 9 -8.04 -24.85 9.90
N TYR B 10 -8.43 -24.84 11.17
CA TYR B 10 -7.74 -25.72 12.15
C TYR B 10 -8.37 -27.12 12.03
N ILE B 11 -7.55 -28.14 12.18
CA ILE B 11 -8.10 -29.51 12.19
C ILE B 11 -7.88 -30.06 13.60
N ALA B 12 -8.91 -30.05 14.43
CA ALA B 12 -8.75 -30.37 15.84
C ALA B 12 -9.14 -31.81 16.08
N SER B 13 -8.44 -32.48 16.98
CA SER B 13 -8.85 -33.84 17.38
C SER B 13 -10.11 -33.84 18.22
N ALA B 14 -11.02 -34.76 17.92
CA ALA B 14 -12.17 -34.97 18.80
C ALA B 14 -11.83 -35.99 19.90
N TYR B 15 -10.63 -36.55 19.87
CA TYR B 15 -10.27 -37.59 20.82
C TYR B 15 -9.43 -37.09 22.03
N VAL B 16 -8.52 -36.17 21.78
CA VAL B 16 -7.71 -35.54 22.85
C VAL B 16 -8.07 -34.07 22.86
N ALA B 17 -8.56 -33.56 24.00
CA ALA B 17 -9.01 -32.20 24.09
C ALA B 17 -7.88 -31.20 23.79
N ASN B 18 -8.31 -30.05 23.32
CA ASN B 18 -7.43 -28.90 23.16
C ASN B 18 -6.21 -29.16 22.25
N THR B 19 -6.39 -29.94 21.18
CA THR B 19 -5.21 -30.25 20.34
C THR B 19 -5.63 -30.16 18.88
N ARG B 20 -4.68 -29.83 18.01
CA ARG B 20 -4.98 -29.74 16.57
C ARG B 20 -3.73 -30.09 15.76
N LEU B 21 -3.89 -30.29 14.45
CA LEU B 21 -2.75 -30.77 13.63
C LEU B 21 -1.90 -29.61 13.18
N ALA B 22 -0.60 -29.85 13.17
CA ALA B 22 0.33 -28.87 12.67
C ALA B 22 1.48 -29.62 12.00
N LEU B 23 2.41 -28.88 11.44
CA LEU B 23 3.64 -29.52 10.91
C LEU B 23 4.80 -29.33 11.88
N SER B 24 5.73 -30.26 11.81
CA SER B 24 6.95 -30.15 12.55
C SER B 24 7.84 -29.16 11.79
N GLU B 25 8.59 -28.35 12.54
CA GLU B 25 9.80 -27.67 12.05
C GLU B 25 11.10 -28.51 12.23
N ASN B 30 17.72 -39.20 6.31
CA ASN B 30 16.80 -38.28 6.97
C ASN B 30 15.32 -38.48 6.51
N LYS B 31 14.42 -37.72 7.14
CA LYS B 31 12.98 -37.81 6.92
C LYS B 31 12.38 -36.45 6.53
N SER B 32 11.21 -36.52 5.88
CA SER B 32 10.28 -35.40 5.75
C SER B 32 9.65 -35.03 7.13
N PRO B 33 9.23 -33.76 7.29
CA PRO B 33 8.53 -33.44 8.53
C PRO B 33 7.19 -34.19 8.70
N ASP B 34 6.92 -34.67 9.92
CA ASP B 34 5.63 -35.33 10.18
C ASP B 34 4.52 -34.31 10.43
N VAL B 35 3.29 -34.70 10.15
CA VAL B 35 2.14 -33.97 10.73
C VAL B 35 2.17 -34.37 12.20
N ILE B 36 2.06 -33.38 13.10
CA ILE B 36 2.11 -33.62 14.54
C ILE B 36 0.88 -33.05 15.24
N ILE B 37 0.69 -33.49 16.48
CA ILE B 37 -0.34 -32.92 17.30
C ILE B 37 0.23 -31.66 17.92
N SER B 38 -0.59 -30.62 18.08
CA SER B 38 -0.09 -29.38 18.70
C SER B 38 -1.17 -28.89 19.62
N SER B 39 -0.74 -28.16 20.64
CA SER B 39 -1.64 -27.62 21.64
C SER B 39 -2.40 -26.41 21.13
N ASP B 40 -3.73 -26.34 21.37
CA ASP B 40 -4.38 -25.07 21.08
C ASP B 40 -4.01 -23.84 21.91
N ALA B 41 -3.13 -24.05 22.87
CA ALA B 41 -2.59 -22.90 23.63
C ALA B 41 -1.51 -22.11 22.82
N VAL B 42 -1.05 -22.66 21.69
CA VAL B 42 -0.08 -21.91 20.84
C VAL B 42 -0.72 -21.76 19.44
N ASP B 43 -0.27 -20.74 18.69
CA ASP B 43 -0.95 -20.48 17.42
C ASP B 43 0.08 -20.29 16.26
N PRO B 44 1.12 -21.17 16.18
CA PRO B 44 2.12 -21.09 15.08
C PRO B 44 1.37 -21.20 13.72
N LEU B 45 1.88 -20.46 12.73
CA LEU B 45 1.19 -20.42 11.43
C LEU B 45 1.13 -21.82 10.78
N ASN B 46 2.04 -22.71 11.15
CA ASN B 46 1.97 -24.05 10.58
C ASN B 46 0.84 -24.96 11.12
N ASN B 47 -0.13 -24.43 11.89
CA ASN B 47 -1.33 -25.21 12.25
C ASN B 47 -2.49 -24.87 11.29
N LEU B 48 -2.19 -24.09 10.23
CA LEU B 48 -3.32 -23.63 9.32
C LEU B 48 -3.37 -24.51 8.08
N TRP B 49 -4.54 -25.08 7.74
CA TRP B 49 -4.61 -26.03 6.61
C TRP B 49 -5.53 -25.50 5.56
N LEU B 50 -5.02 -25.43 4.33
CA LEU B 50 -5.81 -24.91 3.21
C LEU B 50 -6.31 -26.17 2.50
N ILE B 51 -7.64 -26.30 2.44
CA ILE B 51 -8.27 -27.53 1.95
C ILE B 51 -9.00 -27.21 0.64
N GLU B 52 -8.57 -27.88 -0.44
CA GLU B 52 -9.03 -27.51 -1.81
C GLU B 52 -9.65 -28.70 -2.54
N PRO B 53 -10.83 -28.52 -3.13
CA PRO B 53 -11.46 -29.72 -3.76
C PRO B 53 -10.79 -30.11 -5.04
N VAL B 54 -10.63 -31.41 -5.23
CA VAL B 54 -9.99 -31.96 -6.43
C VAL B 54 -10.82 -33.20 -6.83
N GLY B 55 -11.25 -33.28 -8.07
CA GLY B 55 -11.94 -34.53 -8.50
C GLY B 55 -13.26 -34.84 -7.80
N GLU B 56 -13.42 -36.08 -7.35
CA GLU B 56 -14.75 -36.56 -6.89
C GLU B 56 -15.36 -35.90 -5.66
N ALA B 57 -16.65 -36.20 -5.44
CA ALA B 57 -17.37 -35.71 -4.29
C ALA B 57 -16.51 -35.90 -2.98
N ASP B 58 -16.55 -34.89 -2.14
CA ASP B 58 -15.85 -34.95 -0.82
C ASP B 58 -14.33 -35.25 -0.83
N THR B 59 -13.64 -35.01 -1.95
CA THR B 59 -12.23 -35.32 -2.02
C THR B 59 -11.44 -34.00 -2.13
N TYR B 60 -10.32 -33.96 -1.38
CA TYR B 60 -9.53 -32.69 -1.20
C TYR B 60 -8.06 -32.93 -1.06
N THR B 61 -7.24 -31.91 -1.47
CA THR B 61 -5.91 -31.87 -0.94
C THR B 61 -5.97 -31.05 0.39
N VAL B 62 -5.02 -31.34 1.26
CA VAL B 62 -4.97 -30.65 2.58
C VAL B 62 -3.53 -30.12 2.66
N ARG B 63 -3.38 -28.82 2.43
CA ARG B 63 -2.10 -28.21 2.25
C ARG B 63 -1.74 -27.36 3.47
N ASN B 64 -0.47 -27.44 3.89
CA ASN B 64 -0.05 -26.61 4.99
C ASN B 64 0.15 -25.17 4.45
N ALA B 65 -0.68 -24.21 4.92
CA ALA B 65 -0.62 -22.87 4.26
C ALA B 65 0.77 -22.24 4.38
N PHE B 66 1.41 -22.48 5.54
CA PHE B 66 2.72 -21.93 5.86
C PHE B 66 3.82 -22.62 5.09
N ALA B 67 3.94 -23.93 5.26
CA ALA B 67 5.08 -24.63 4.62
C ALA B 67 4.91 -24.83 3.14
N GLY B 68 3.64 -24.86 2.73
CA GLY B 68 3.28 -25.16 1.32
C GLY B 68 3.28 -26.63 0.92
N SER B 69 3.75 -27.47 1.84
CA SER B 69 3.69 -28.91 1.62
C SER B 69 2.28 -29.46 1.81
N TYR B 70 2.08 -30.71 1.39
CA TYR B 70 0.77 -31.36 1.37
C TYR B 70 0.71 -32.56 2.32
N MET B 71 -0.41 -32.72 2.98
CA MET B 71 -0.66 -33.87 3.92
C MET B 71 -0.60 -35.11 3.00
N ASP B 72 0.27 -36.06 3.37
CA ASP B 72 0.75 -37.12 2.45
C ASP B 72 0.87 -38.39 3.33
N LEU B 73 0.13 -39.44 2.92
CA LEU B 73 0.29 -40.79 3.57
C LEU B 73 1.54 -41.44 3.02
N ALA B 74 2.54 -41.55 3.89
CA ALA B 74 3.92 -41.79 3.51
C ALA B 74 4.03 -43.12 2.73
N GLY B 75 3.77 -43.11 1.40
CA GLY B 75 4.12 -44.25 0.53
C GLY B 75 2.94 -45.00 0.04
N HIS B 76 1.80 -44.35 0.02
CA HIS B 76 0.60 -45.03 -0.37
C HIS B 76 0.55 -46.26 0.58
N ALA B 77 1.52 -46.37 1.53
CA ALA B 77 1.75 -47.54 2.48
C ALA B 77 0.63 -47.62 3.42
N ALA B 78 -0.06 -48.76 3.39
CA ALA B 78 -1.27 -48.86 4.16
C ALA B 78 -1.08 -49.66 5.43
N THR B 79 0.17 -50.04 5.76
CA THR B 79 0.52 -50.58 7.07
C THR B 79 -0.05 -49.66 8.16
N ASP B 80 -0.61 -50.24 9.21
CA ASP B 80 -1.03 -49.45 10.39
C ASP B 80 0.16 -48.79 10.96
N GLY B 81 -0.03 -47.51 11.34
CA GLY B 81 1.07 -46.79 11.89
C GLY B 81 1.87 -45.99 10.89
N THR B 82 1.44 -46.01 9.62
CA THR B 82 2.22 -45.32 8.58
C THR B 82 2.21 -43.80 8.86
N ALA B 83 3.38 -43.16 8.86
CA ALA B 83 3.53 -41.69 9.06
C ALA B 83 2.59 -40.91 8.12
N ILE B 84 1.91 -39.92 8.71
CA ILE B 84 1.31 -38.85 7.90
C ILE B 84 2.34 -37.69 7.93
N ILE B 85 2.77 -37.23 6.74
CA ILE B 85 3.89 -36.30 6.58
C ILE B 85 3.40 -35.09 5.73
N GLY B 86 4.26 -34.09 5.68
CA GLY B 86 4.10 -32.89 4.86
C GLY B 86 5.06 -33.12 3.75
N TYR B 87 4.54 -33.18 2.53
CA TYR B 87 5.44 -33.47 1.39
C TYR B 87 5.18 -32.57 0.20
N ARG B 88 6.19 -32.42 -0.66
CA ARG B 88 5.96 -31.63 -1.90
C ARG B 88 4.75 -32.19 -2.66
N PRO B 89 4.05 -31.37 -3.48
CA PRO B 89 2.92 -31.90 -4.24
C PRO B 89 3.45 -32.92 -5.23
N THR B 90 2.68 -34.00 -5.42
CA THR B 90 3.15 -35.04 -6.37
C THR B 90 2.12 -35.36 -7.43
N GLY B 91 0.89 -34.93 -7.23
CA GLY B 91 -0.28 -35.30 -8.04
C GLY B 91 -0.81 -36.69 -7.62
N GLY B 92 -0.11 -37.29 -6.66
CA GLY B 92 -0.41 -38.66 -6.12
C GLY B 92 -1.70 -38.81 -5.33
N ASP B 93 -2.21 -40.05 -5.30
CA ASP B 93 -3.48 -40.27 -4.67
C ASP B 93 -3.25 -40.40 -3.11
N ASN B 94 -1.99 -40.60 -2.68
CA ASN B 94 -1.62 -40.53 -1.20
C ASN B 94 -1.61 -39.02 -0.71
N GLN B 95 -2.05 -38.08 -1.55
CA GLN B 95 -2.16 -36.63 -1.12
C GLN B 95 -3.59 -36.17 -1.25
N LYS B 96 -4.47 -37.14 -1.54
CA LYS B 96 -5.86 -36.85 -1.73
C LYS B 96 -6.65 -37.48 -0.57
N TRP B 97 -7.58 -36.71 -0.06
CA TRP B 97 -8.28 -37.04 1.19
C TRP B 97 -9.77 -36.92 1.10
N ILE B 98 -10.50 -38.00 1.47
CA ILE B 98 -11.96 -37.89 1.56
C ILE B 98 -12.41 -37.47 2.96
N ILE B 99 -13.09 -36.36 2.99
CA ILE B 99 -13.53 -35.70 4.21
C ILE B 99 -15.01 -35.70 4.21
N SER B 100 -15.55 -36.56 5.06
CA SER B 100 -17.00 -36.72 5.15
C SER B 100 -17.39 -37.04 6.56
N GLN B 101 -18.70 -36.95 6.80
CA GLN B 101 -19.23 -37.31 8.09
C GLN B 101 -20.12 -38.56 8.01
N ILE B 102 -20.21 -39.32 9.10
CA ILE B 102 -21.32 -40.29 9.32
C ILE B 102 -22.24 -39.90 10.49
N ASN B 103 -21.72 -39.26 11.56
CA ASN B 103 -22.67 -38.84 12.61
C ASN B 103 -22.82 -37.32 12.82
N ASP B 104 -22.50 -36.54 11.79
CA ASP B 104 -21.88 -35.21 12.02
C ASP B 104 -20.59 -35.51 12.82
N VAL B 105 -20.09 -36.74 12.65
CA VAL B 105 -18.75 -37.13 13.08
C VAL B 105 -17.84 -37.21 11.84
N TRP B 106 -16.81 -36.36 11.83
CA TRP B 106 -15.95 -36.24 10.66
C TRP B 106 -14.71 -37.07 10.69
N LYS B 107 -14.37 -37.69 9.57
CA LYS B 107 -13.17 -38.46 9.41
C LYS B 107 -12.40 -37.99 8.14
N ILE B 108 -11.14 -38.38 8.08
CA ILE B 108 -10.19 -38.05 6.99
C ILE B 108 -9.52 -39.32 6.49
N LYS B 109 -9.96 -39.75 5.29
CA LYS B 109 -9.57 -41.04 4.73
C LYS B 109 -8.74 -40.85 3.49
N SER B 110 -7.63 -41.56 3.39
CA SER B 110 -6.76 -41.55 2.23
C SER B 110 -7.52 -42.12 1.02
N LYS B 111 -7.75 -41.27 0.00
CA LYS B 111 -8.55 -41.64 -1.18
C LYS B 111 -7.97 -42.94 -1.70
N GLU B 112 -6.67 -43.09 -1.55
CA GLU B 112 -5.92 -44.20 -2.08
C GLU B 112 -5.83 -45.55 -1.31
N THR B 113 -5.15 -45.56 -0.14
CA THR B 113 -5.03 -46.76 0.72
C THR B 113 -6.29 -47.13 1.50
N GLY B 114 -7.30 -46.24 1.54
CA GLY B 114 -8.55 -46.38 2.29
C GLY B 114 -8.48 -46.21 3.83
N THR B 115 -7.25 -46.05 4.33
CA THR B 115 -6.98 -45.80 5.77
C THR B 115 -7.25 -44.34 6.29
N PHE B 116 -7.26 -44.17 7.63
CA PHE B 116 -7.80 -42.96 8.23
C PHE B 116 -6.72 -42.22 9.00
N VAL B 117 -6.80 -40.89 8.92
CA VAL B 117 -5.93 -40.08 9.73
C VAL B 117 -6.35 -40.34 11.20
N THR B 118 -5.34 -40.70 11.95
CA THR B 118 -5.51 -41.29 13.31
C THR B 118 -4.55 -40.66 14.31
N LEU B 119 -5.11 -40.24 15.46
CA LEU B 119 -4.24 -39.79 16.54
C LEU B 119 -3.93 -41.00 17.42
N LEU B 120 -2.71 -41.47 17.34
CA LEU B 120 -2.31 -42.71 17.96
C LEU B 120 -1.76 -42.36 19.32
N ASN B 121 -2.48 -42.84 20.34
CA ASN B 121 -2.07 -42.81 21.75
C ASN B 121 -2.31 -41.50 22.42
N GLY B 122 -3.52 -41.38 23.01
CA GLY B 122 -3.99 -40.14 23.67
C GLY B 122 -2.91 -39.30 24.38
N GLY B 126 2.36 -33.48 25.28
CA GLY B 126 3.49 -34.09 24.54
C GLY B 126 3.11 -35.13 23.49
N THR B 127 3.38 -36.42 23.84
CA THR B 127 3.09 -37.69 23.08
C THR B 127 1.96 -37.66 22.04
N GLY B 128 1.73 -38.77 21.37
CA GLY B 128 0.62 -38.84 20.42
C GLY B 128 1.25 -38.55 19.06
N THR B 129 1.00 -39.44 18.10
CA THR B 129 1.54 -39.29 16.73
C THR B 129 0.39 -39.39 15.76
N VAL B 130 0.59 -38.92 14.52
CA VAL B 130 -0.50 -38.84 13.60
C VAL B 130 -0.19 -39.85 12.45
N VAL B 131 -1.05 -40.84 12.29
CA VAL B 131 -0.73 -41.98 11.43
C VAL B 131 -1.94 -42.40 10.65
N GLY B 132 -1.70 -43.17 9.57
CA GLY B 132 -2.77 -43.85 8.93
C GLY B 132 -3.02 -45.21 9.63
N TRP B 133 -4.25 -45.59 9.62
CA TRP B 133 -4.79 -46.76 10.35
C TRP B 133 -6.11 -47.18 9.76
N GLN B 134 -6.38 -48.50 9.75
CA GLN B 134 -7.66 -49.02 9.37
C GLN B 134 -8.72 -48.51 10.31
N ASN B 135 -9.97 -48.60 9.90
CA ASN B 135 -11.10 -48.24 10.72
C ASN B 135 -10.95 -48.71 12.19
N ILE B 136 -11.34 -47.79 13.09
CA ILE B 136 -11.39 -48.01 14.56
C ILE B 136 -12.81 -47.78 15.02
N THR B 137 -13.40 -48.75 15.73
CA THR B 137 -14.75 -48.60 16.20
C THR B 137 -14.84 -48.53 17.73
N ASN B 138 -13.72 -48.63 18.43
CA ASN B 138 -13.80 -48.66 19.90
C ASN B 138 -13.25 -47.38 20.55
N ASN B 139 -12.89 -46.40 19.73
CA ASN B 139 -12.43 -45.11 20.27
C ASN B 139 -12.61 -44.04 19.21
N THR B 140 -12.44 -42.78 19.60
CA THR B 140 -12.77 -41.68 18.67
C THR B 140 -11.51 -41.06 18.04
N SER B 141 -10.41 -41.80 18.03
CA SER B 141 -9.06 -41.33 17.62
C SER B 141 -8.99 -40.93 16.14
N GLN B 142 -10.01 -41.32 15.38
CA GLN B 142 -10.12 -40.98 13.95
C GLN B 142 -11.09 -39.86 13.68
N ASN B 143 -11.59 -39.21 14.72
CA ASN B 143 -12.63 -38.22 14.54
C ASN B 143 -12.01 -36.83 14.71
N TRP B 144 -12.39 -35.90 13.81
CA TRP B 144 -11.71 -34.55 13.78
C TRP B 144 -12.81 -33.51 13.68
N THR B 145 -12.54 -32.27 14.11
CA THR B 145 -13.47 -31.18 13.92
C THR B 145 -12.69 -30.11 13.14
N PHE B 146 -13.40 -29.43 12.26
CA PHE B 146 -12.78 -28.46 11.38
C PHE B 146 -13.31 -27.10 11.82
N GLN B 147 -12.43 -26.21 12.25
CA GLN B 147 -12.80 -24.85 12.61
C GLN B 147 -12.44 -23.93 11.45
N LYS B 148 -13.48 -23.33 10.82
CA LYS B 148 -13.23 -22.51 9.64
C LYS B 148 -12.65 -21.17 10.03
N LEU B 149 -11.53 -20.81 9.33
CA LEU B 149 -10.79 -19.55 9.55
C LEU B 149 -10.83 -18.59 8.35
N SER B 150 -11.52 -19.00 7.29
CA SER B 150 -11.57 -18.20 6.07
C SER B 150 -12.98 -17.74 5.79
N GLN B 151 -13.07 -16.74 4.93
CA GLN B 151 -14.31 -16.33 4.26
C GLN B 151 -14.10 -16.21 2.79
N THR B 152 -15.16 -16.46 2.00
CA THR B 152 -15.05 -16.21 0.55
C THR B 152 -15.37 -14.71 0.32
N GLY B 153 -15.09 -14.22 -0.86
CA GLY B 153 -15.39 -12.79 -1.20
C GLY B 153 -16.93 -12.65 -1.09
N ALA B 154 -17.67 -13.68 -1.49
CA ALA B 154 -19.17 -13.56 -1.41
C ALA B 154 -19.58 -13.31 0.04
N ASN B 155 -18.94 -14.06 0.96
CA ASN B 155 -19.22 -13.89 2.37
C ASN B 155 -18.91 -12.46 2.83
N VAL B 156 -17.71 -11.94 2.50
CA VAL B 156 -17.31 -10.65 3.04
C VAL B 156 -18.20 -9.53 2.46
N HIS B 157 -18.53 -9.59 1.18
CA HIS B 157 -19.44 -8.58 0.54
C HIS B 157 -20.79 -8.60 1.30
N ALA B 158 -21.30 -9.79 1.62
CA ALA B 158 -22.60 -9.86 2.35
C ALA B 158 -22.46 -9.29 3.74
N THR B 159 -21.30 -9.52 4.38
CA THR B 159 -21.06 -8.95 5.69
C THR B 159 -21.05 -7.42 5.72
N LEU B 160 -20.42 -6.81 4.70
CA LEU B 160 -20.29 -5.33 4.59
C LEU B 160 -21.72 -4.75 4.46
N LEU B 161 -22.52 -5.41 3.64
CA LEU B 161 -23.89 -4.84 3.37
C LEU B 161 -24.75 -4.94 4.64
N ALA B 162 -24.50 -5.97 5.44
CA ALA B 162 -25.29 -6.20 6.67
C ALA B 162 -24.76 -5.43 7.90
N CYS B 163 -23.57 -4.86 7.80
CA CYS B 163 -22.92 -4.28 8.96
C CYS B 163 -23.59 -2.94 9.27
N PRO B 164 -24.17 -2.78 10.48
CA PRO B 164 -24.86 -1.51 10.77
C PRO B 164 -24.00 -0.28 10.57
N ALA B 165 -22.71 -0.38 10.86
CA ALA B 165 -21.85 0.76 10.69
C ALA B 165 -21.61 1.10 9.22
N LEU B 166 -21.97 0.21 8.31
CA LEU B 166 -21.68 0.43 6.88
C LEU B 166 -22.90 0.45 5.96
N ARG B 167 -23.66 -0.64 5.98
CA ARG B 167 -24.86 -0.80 5.13
C ARG B 167 -24.57 -0.45 3.69
N GLN B 168 -23.48 -1.01 3.16
CA GLN B 168 -23.03 -0.75 1.80
C GLN B 168 -21.99 -1.77 1.48
N ASP B 169 -21.72 -1.93 0.17
CA ASP B 169 -20.70 -2.89 -0.26
C ASP B 169 -19.47 -2.12 -0.76
N PHE B 170 -18.29 -2.77 -0.68
CA PHE B 170 -17.07 -2.24 -1.25
C PHE B 170 -16.60 -3.18 -2.33
N LYS B 171 -15.89 -2.67 -3.34
CA LYS B 171 -15.35 -3.51 -4.41
C LYS B 171 -14.23 -4.40 -3.88
N SER B 172 -14.11 -5.61 -4.42
CA SER B 172 -12.93 -6.44 -4.10
C SER B 172 -12.14 -6.61 -5.38
N TYR B 173 -10.84 -6.63 -5.27
CA TYR B 173 -10.05 -6.94 -6.45
C TYR B 173 -10.33 -8.32 -7.02
N LEU B 174 -10.38 -9.32 -6.14
CA LEU B 174 -10.66 -10.70 -6.57
C LEU B 174 -12.15 -10.85 -6.76
N SER B 175 -12.59 -11.59 -7.78
CA SER B 175 -14.05 -11.74 -7.93
C SER B 175 -14.66 -12.95 -7.24
N ASP B 176 -13.82 -13.93 -6.95
CA ASP B 176 -14.23 -15.11 -6.16
C ASP B 176 -13.10 -15.51 -5.19
N GLY B 177 -12.67 -14.57 -4.37
CA GLY B 177 -11.41 -14.92 -3.63
C GLY B 177 -11.69 -15.80 -2.39
N LEU B 178 -10.60 -16.33 -1.82
CA LEU B 178 -10.68 -17.03 -0.54
C LEU B 178 -9.77 -16.25 0.40
N TYR B 179 -10.31 -15.79 1.53
CA TYR B 179 -9.56 -14.95 2.43
C TYR B 179 -9.31 -15.61 3.78
N LEU B 180 -8.07 -15.49 4.29
CA LEU B 180 -7.80 -15.87 5.67
C LEU B 180 -8.14 -14.67 6.56
N VAL B 181 -8.86 -14.96 7.64
CA VAL B 181 -9.20 -13.98 8.66
C VAL B 181 -8.09 -14.01 9.75
N LEU B 182 -7.37 -12.90 9.88
CA LEU B 182 -6.26 -12.87 10.84
C LEU B 182 -6.77 -12.68 12.30
N THR B 183 -5.96 -13.14 13.26
CA THR B 183 -6.24 -12.83 14.66
C THR B 183 -5.78 -11.42 14.97
N ARG B 184 -6.32 -10.84 16.04
CA ARG B 184 -5.74 -9.58 16.52
C ARG B 184 -4.25 -9.61 16.85
N ASP B 185 -3.71 -10.73 17.33
CA ASP B 185 -2.29 -10.83 17.57
C ASP B 185 -1.50 -10.69 16.27
N GLN B 186 -1.98 -11.37 15.24
CA GLN B 186 -1.28 -11.29 13.95
C GLN B 186 -1.32 -9.85 13.41
N ILE B 187 -2.50 -9.22 13.43
CA ILE B 187 -2.64 -7.87 12.91
C ILE B 187 -1.72 -6.93 13.70
N SER B 188 -1.78 -7.04 15.02
CA SER B 188 -1.03 -6.13 15.83
C SER B 188 0.44 -6.42 15.61
N SER B 189 0.83 -7.67 15.40
CA SER B 189 2.22 -7.98 15.02
C SER B 189 2.76 -7.40 13.64
N ILE B 190 1.93 -7.45 12.61
CA ILE B 190 2.23 -6.85 11.34
C ILE B 190 2.32 -5.33 11.55
N TRP B 191 1.41 -4.77 12.35
CA TRP B 191 1.41 -3.31 12.53
C TRP B 191 2.67 -2.85 13.29
N GLN B 192 3.03 -3.58 14.35
CA GLN B 192 4.27 -3.25 15.10
C GLN B 192 5.50 -3.16 14.27
N ALA B 193 5.59 -4.01 13.27
CA ALA B 193 6.73 -4.03 12.42
C ALA B 193 6.62 -3.14 11.16
N SER B 194 5.42 -2.64 10.82
CA SER B 194 5.25 -1.63 9.76
C SER B 194 5.95 -0.30 10.07
N GLY B 195 6.20 -0.03 11.36
CA GLY B 195 6.71 1.23 11.85
C GLY B 195 5.78 2.43 11.72
N LEU B 196 4.52 2.19 11.37
CA LEU B 196 3.53 3.28 11.21
C LEU B 196 3.27 3.99 12.57
N GLY B 197 3.38 3.24 13.66
CA GLY B 197 3.05 3.82 15.00
C GLY B 197 4.02 4.90 15.36
N SER B 198 5.24 4.86 14.79
CA SER B 198 6.20 5.97 15.02
C SER B 198 6.38 6.94 13.83
N THR B 199 5.43 6.90 12.89
CA THR B 199 5.46 7.78 11.75
C THR B 199 4.40 8.88 11.99
N PRO B 200 4.84 10.16 12.08
CA PRO B 200 3.88 11.22 12.35
C PRO B 200 2.98 11.47 11.15
N TRP B 201 1.68 11.68 11.40
CA TRP B 201 0.77 12.20 10.41
C TRP B 201 1.25 13.61 10.01
N ARG B 202 1.24 13.87 8.70
CA ARG B 202 1.44 15.23 8.16
C ARG B 202 0.48 15.53 7.03
N SER B 203 -0.04 16.75 7.01
CA SER B 203 -1.05 17.13 6.05
C SER B 203 -0.60 16.87 4.61
N GLU B 204 -1.40 16.07 3.89
CA GLU B 204 -1.14 15.58 2.49
C GLU B 204 0.04 14.70 2.26
N ILE B 205 1.18 15.08 2.83
CA ILE B 205 2.44 14.39 2.52
C ILE B 205 2.55 13.03 3.23
N PHE B 206 1.91 12.87 4.40
CA PHE B 206 1.77 11.51 4.90
C PHE B 206 0.48 11.49 5.71
N ASP B 207 -0.61 11.38 4.96
CA ASP B 207 -1.92 11.60 5.46
C ASP B 207 -2.66 10.26 5.76
N CYS B 208 -3.94 10.31 6.11
CA CYS B 208 -4.59 9.08 6.63
C CYS B 208 -4.62 7.98 5.57
N ASP B 209 -4.87 8.36 4.33
CA ASP B 209 -4.85 7.37 3.23
C ASP B 209 -3.48 6.67 3.12
N ASP B 210 -2.39 7.40 3.38
CA ASP B 210 -1.06 6.81 3.30
C ASP B 210 -0.88 5.80 4.40
N PHE B 211 -1.39 6.07 5.59
CA PHE B 211 -1.28 5.06 6.67
C PHE B 211 -2.06 3.81 6.28
N ALA B 212 -3.28 4.00 5.73
CA ALA B 212 -4.12 2.83 5.48
C ALA B 212 -3.58 2.03 4.29
N THR B 213 -2.97 2.72 3.32
CA THR B 213 -2.46 2.05 2.10
C THR B 213 -1.21 1.29 2.49
N VAL B 214 -0.29 1.97 3.22
CA VAL B 214 0.96 1.31 3.65
C VAL B 214 0.62 0.08 4.53
N PHE B 215 -0.32 0.23 5.44
CA PHE B 215 -0.69 -0.93 6.26
C PHE B 215 -1.28 -2.08 5.42
N LYS B 216 -2.19 -1.77 4.48
CA LYS B 216 -2.71 -2.82 3.64
C LYS B 216 -1.58 -3.51 2.88
N GLY B 217 -0.60 -2.75 2.37
CA GLY B 217 0.62 -3.33 1.73
C GLY B 217 1.43 -4.19 2.71
N ALA B 218 1.53 -3.74 3.95
CA ALA B 218 2.32 -4.47 5.01
C ALA B 218 1.66 -5.85 5.27
N VAL B 219 0.32 -5.91 5.26
CA VAL B 219 -0.37 -7.18 5.50
C VAL B 219 -0.06 -8.08 4.26
N ALA B 220 -0.12 -7.50 3.06
CA ALA B 220 0.08 -8.30 1.84
C ALA B 220 1.52 -8.86 1.88
N LYS B 221 2.48 -8.00 2.22
CA LYS B 221 3.89 -8.45 2.30
C LYS B 221 4.09 -9.56 3.34
N TRP B 222 3.50 -9.38 4.50
CA TRP B 222 3.64 -10.40 5.58
C TRP B 222 3.03 -11.72 5.13
N GLY B 223 1.88 -11.68 4.46
CA GLY B 223 1.33 -12.93 3.93
C GLY B 223 2.29 -13.54 2.92
N ASN B 224 2.87 -12.74 2.03
CA ASN B 224 3.75 -13.33 0.99
C ASN B 224 4.98 -13.96 1.66
N GLU B 225 5.50 -13.32 2.68
CA GLU B 225 6.73 -13.80 3.38
C GLU B 225 6.46 -15.08 4.17
N ASN B 226 5.26 -15.23 4.71
CA ASN B 226 5.00 -16.34 5.62
C ASN B 226 4.28 -17.51 5.00
N PHE B 227 3.50 -17.31 3.93
CA PHE B 227 2.70 -18.43 3.37
C PHE B 227 3.22 -18.91 2.05
N LYS B 228 3.77 -20.13 2.06
CA LYS B 228 4.28 -20.75 0.82
C LYS B 228 3.19 -21.30 -0.06
N ALA B 229 2.02 -21.59 0.50
CA ALA B 229 0.88 -21.92 -0.33
C ALA B 229 0.33 -20.71 -1.10
N ASN B 230 -0.39 -20.96 -2.17
CA ASN B 230 -1.04 -19.88 -2.92
C ASN B 230 -2.56 -20.17 -2.87
N GLY B 231 -3.35 -19.41 -3.58
CA GLY B 231 -4.79 -19.74 -3.66
C GLY B 231 -5.65 -19.16 -2.55
N PHE B 232 -5.09 -18.21 -1.82
CA PHE B 232 -5.87 -17.44 -0.85
C PHE B 232 -5.21 -16.11 -0.62
N ALA B 233 -5.95 -15.15 -0.05
CA ALA B 233 -5.38 -13.82 0.23
C ALA B 233 -5.63 -13.55 1.71
N LEU B 234 -4.90 -12.61 2.32
CA LEU B 234 -5.23 -12.20 3.71
C LEU B 234 -6.24 -11.07 3.62
N LEU B 235 -7.38 -11.19 4.32
CA LEU B 235 -8.33 -10.06 4.22
C LEU B 235 -7.81 -8.80 4.89
N CYS B 236 -7.86 -7.66 4.19
CA CYS B 236 -7.50 -6.41 4.82
C CYS B 236 -8.11 -5.33 3.99
N GLY B 237 -9.13 -4.73 4.52
CA GLY B 237 -9.85 -3.67 3.74
C GLY B 237 -9.29 -2.28 3.95
N LEU B 238 -9.70 -1.34 3.07
CA LEU B 238 -9.47 0.09 3.24
C LEU B 238 -10.83 0.75 3.25
N MET B 239 -11.01 1.79 4.05
CA MET B 239 -12.27 2.58 3.91
C MET B 239 -11.92 4.04 4.09
N PHE B 240 -12.70 4.91 3.41
CA PHE B 240 -12.68 6.36 3.71
C PHE B 240 -14.01 6.74 4.32
N GLY B 241 -13.99 7.60 5.33
CA GLY B 241 -15.26 7.97 5.96
C GLY B 241 -15.20 9.43 6.34
N SER B 242 -16.36 9.97 6.73
CA SER B 242 -16.37 11.38 7.20
C SER B 242 -17.41 11.59 8.27
N LYS B 243 -17.29 12.75 8.90
CA LYS B 243 -18.27 13.34 9.83
C LYS B 243 -18.02 14.83 9.64
N SER B 244 -18.66 15.68 10.43
CA SER B 244 -18.60 17.14 10.09
C SER B 244 -17.18 17.71 10.18
N SER B 245 -16.38 17.16 11.11
CA SER B 245 -14.99 17.60 11.34
C SER B 245 -13.99 17.32 10.19
N GLY B 246 -14.36 16.43 9.24
CA GLY B 246 -13.55 16.16 8.02
C GLY B 246 -13.40 14.65 7.67
N ALA B 247 -12.41 14.32 6.82
CA ALA B 247 -12.27 12.95 6.24
C ALA B 247 -11.28 12.14 7.07
N HIS B 248 -11.38 10.81 6.98
CA HIS B 248 -10.39 9.93 7.60
C HIS B 248 -10.31 8.65 6.78
N ALA B 249 -9.24 7.90 6.99
CA ALA B 249 -9.10 6.61 6.34
C ALA B 249 -8.75 5.59 7.37
N TYR B 250 -9.32 4.40 7.22
CA TYR B 250 -9.13 3.28 8.17
C TYR B 250 -8.84 2.00 7.38
N ASN B 251 -8.37 0.99 8.11
CA ASN B 251 -8.43 -0.36 7.58
C ASN B 251 -9.58 -1.11 8.26
N TRP B 252 -9.98 -2.23 7.70
CA TRP B 252 -11.02 -3.01 8.34
C TRP B 252 -10.78 -4.50 8.09
N PHE B 253 -11.35 -5.29 8.97
CA PHE B 253 -11.21 -6.73 9.01
C PHE B 253 -12.57 -7.29 9.49
N VAL B 254 -12.73 -8.60 9.46
CA VAL B 254 -13.83 -9.27 10.20
C VAL B 254 -13.23 -10.10 11.34
N GLU B 255 -14.08 -10.49 12.31
CA GLU B 255 -13.58 -11.18 13.50
C GLU B 255 -13.61 -12.68 13.30
N ARG B 256 -12.56 -13.37 13.72
CA ARG B 256 -12.59 -14.83 13.86
C ARG B 256 -13.80 -15.38 14.61
N GLY B 257 -14.18 -14.71 15.70
CA GLY B 257 -15.26 -15.26 16.56
C GLY B 257 -16.66 -14.94 16.11
N ASN B 258 -16.79 -14.04 15.13
CA ASN B 258 -18.08 -13.78 14.50
C ASN B 258 -17.77 -13.11 13.18
N PHE B 259 -17.81 -13.91 12.11
CA PHE B 259 -17.41 -13.41 10.78
C PHE B 259 -18.30 -12.27 10.27
N SER B 260 -19.47 -12.06 10.90
CA SER B 260 -20.38 -10.96 10.52
C SER B 260 -20.02 -9.68 11.17
N THR B 261 -19.09 -9.74 12.13
CA THR B 261 -18.62 -8.55 12.80
C THR B 261 -17.44 -7.88 12.12
N VAL B 262 -17.69 -6.71 11.56
CA VAL B 262 -16.63 -5.90 10.97
C VAL B 262 -15.93 -5.09 12.05
N THR B 263 -14.60 -5.08 12.02
CA THR B 263 -13.79 -4.33 13.00
C THR B 263 -12.91 -3.31 12.23
N PHE B 264 -12.87 -2.07 12.71
CA PHE B 264 -12.12 -1.02 12.07
C PHE B 264 -10.84 -0.79 12.82
N PHE B 265 -9.78 -0.52 12.06
CA PHE B 265 -8.45 -0.45 12.60
C PHE B 265 -7.84 0.86 12.19
N GLU B 266 -7.19 1.53 13.15
CA GLU B 266 -6.56 2.85 12.92
C GLU B 266 -5.06 2.62 12.77
N PRO B 267 -4.56 2.66 11.53
CA PRO B 267 -3.18 2.33 11.36
C PRO B 267 -2.21 3.41 11.87
N GLN B 268 -2.70 4.60 12.25
CA GLN B 268 -1.79 5.53 12.94
C GLN B 268 -1.37 5.12 14.35
N ASN B 269 -2.21 4.37 15.04
CA ASN B 269 -1.91 4.00 16.43
C ASN B 269 -2.24 2.58 16.85
N GLY B 270 -2.72 1.77 15.89
CA GLY B 270 -2.84 0.35 16.11
C GLY B 270 -4.04 0.02 16.97
N THR B 271 -5.05 0.91 16.99
CA THR B 271 -6.28 0.65 17.79
C THR B 271 -7.44 0.15 16.94
N TYR B 272 -8.46 -0.41 17.60
CA TYR B 272 -9.69 -0.96 16.97
C TYR B 272 -10.93 -0.25 17.44
N SER B 273 -11.97 -0.24 16.59
CA SER B 273 -13.29 0.36 16.94
C SER B 273 -14.34 -0.48 16.23
N ALA B 274 -15.44 -0.73 16.93
CA ALA B 274 -16.60 -1.42 16.33
C ALA B 274 -17.39 -0.50 15.41
N ASN B 275 -17.22 0.81 15.58
CA ASN B 275 -18.04 1.76 14.82
C ASN B 275 -17.23 2.77 14.01
N ALA B 276 -15.95 2.44 13.71
CA ALA B 276 -15.11 3.34 12.92
C ALA B 276 -15.07 4.72 13.51
N TRP B 277 -15.04 4.83 14.84
CA TRP B 277 -14.95 6.13 15.50
C TRP B 277 -16.07 7.09 15.00
N ASP B 278 -17.27 6.53 14.77
CA ASP B 278 -18.47 7.25 14.21
C ASP B 278 -18.23 7.99 12.90
N TYR B 279 -17.22 7.55 12.15
CA TYR B 279 -17.03 8.10 10.80
C TYR B 279 -17.97 7.28 9.92
N LYS B 280 -18.59 7.96 8.96
CA LYS B 280 -19.55 7.31 8.11
C LYS B 280 -18.83 7.03 6.81
N ALA B 281 -18.74 5.75 6.45
CA ALA B 281 -17.97 5.38 5.26
C ALA B 281 -18.65 5.82 3.97
N TYR B 282 -17.87 6.25 2.99
CA TYR B 282 -18.45 6.50 1.70
C TYR B 282 -17.65 5.77 0.62
N PHE B 283 -16.53 5.13 1.02
CA PHE B 283 -15.72 4.48 -0.01
C PHE B 283 -14.87 3.40 0.62
N GLY B 284 -14.52 2.36 -0.15
CA GLY B 284 -13.74 1.22 0.49
C GLY B 284 -13.35 0.19 -0.54
N LEU B 285 -12.42 -0.69 -0.16
CA LEU B 285 -12.05 -1.75 -1.07
C LEU B 285 -11.40 -2.89 -0.26
N PHE B 286 -11.31 -4.06 -0.85
CA PHE B 286 -10.55 -5.18 -0.27
C PHE B 286 -10.07 -6.09 -1.36
C1 NAG C . 19.04 41.22 14.16
C2 NAG C . 19.73 40.17 13.27
C3 NAG C . 18.82 39.38 12.28
C4 NAG C . 17.32 39.37 12.66
C5 NAG C . 16.93 40.77 13.14
C6 NAG C . 15.44 40.98 13.40
C7 NAG C . 22.11 40.28 12.53
C8 NAG C . 23.14 41.00 11.70
N2 NAG C . 20.85 40.77 12.52
O1 NAG C . 19.62 41.07 15.44
O3 NAG C . 19.36 38.08 12.19
O4 NAG C . 16.47 39.04 11.57
O5 NAG C . 17.64 41.07 14.34
O6 NAG C . 14.88 39.83 14.01
O7 NAG C . 22.44 39.29 13.19
C1 GAL C . 16.23 37.63 11.31
C2 GAL C . 14.95 37.45 10.48
C3 GAL C . 14.78 36.03 9.84
C4 GAL C . 16.05 35.66 9.10
C5 GAL C . 17.22 35.85 10.05
C6 GAL C . 18.56 35.59 9.45
O2 GAL C . 13.81 37.71 11.26
O3 GAL C . 13.65 36.07 8.98
O4 GAL C . 16.28 36.49 7.97
O5 GAL C . 17.29 37.20 10.50
O6 GAL C . 19.43 35.66 10.59
C1 NAG D . 9.54 -46.17 -2.12
C2 NAG D . 10.27 -44.98 -1.48
C3 NAG D . 9.32 -43.80 -1.20
C4 NAG D . 8.28 -43.56 -2.32
C5 NAG D . 7.79 -44.85 -3.02
C6 NAG D . 7.14 -44.40 -4.33
C7 NAG D . 12.37 -45.29 -0.17
C8 NAG D . 12.98 -45.72 1.14
N2 NAG D . 11.02 -45.38 -0.28
O1 NAG D . 10.59 -47.06 -2.40
O3 NAG D . 10.19 -42.69 -1.05
O4 NAG D . 7.04 -43.04 -1.89
O5 NAG D . 8.82 -45.79 -3.30
O6 NAG D . 8.20 -43.99 -5.14
O7 NAG D . 13.11 -44.86 -1.08
C1 GAL D . 7.06 -41.64 -1.64
C2 GAL D . 5.68 -41.06 -1.94
C3 GAL D . 5.65 -39.60 -1.45
C4 GAL D . 6.06 -39.51 0.03
C5 GAL D . 7.47 -40.10 0.10
C6 GAL D . 8.11 -40.19 1.47
O2 GAL D . 5.33 -41.00 -3.31
O3 GAL D . 4.36 -39.18 -1.74
O4 GAL D . 5.14 -40.23 0.81
O5 GAL D . 7.40 -41.45 -0.28
O6 GAL D . 9.49 -40.47 1.24
C1 SIA D . 10.99 -38.92 2.31
C2 SIA D . 10.79 -40.41 2.00
C3 SIA D . 12.11 -41.14 1.71
C4 SIA D . 12.94 -41.43 2.97
C5 SIA D . 12.14 -41.81 4.26
C6 SIA D . 10.88 -40.87 4.31
C7 SIA D . 9.70 -40.85 5.32
C8 SIA D . 9.78 -41.89 6.41
C9 SIA D . 8.65 -41.62 7.43
C10 SIA D . 13.37 -42.79 6.19
C11 SIA D . 14.36 -42.58 7.34
N5 SIA D . 13.07 -41.75 5.41
O1A SIA D . 10.38 -38.38 3.28
O1B SIA D . 11.77 -38.24 1.57
O4 SIA D . 13.84 -42.49 2.62
O6 SIA D . 10.17 -41.11 3.10
O7 SIA D . 9.41 -39.51 5.84
O8 SIA D . 9.63 -43.11 5.69
O9 SIA D . 9.13 -40.58 8.32
O10 SIA D . 12.86 -43.91 6.02
C1 SIA E . 20.79 33.47 10.66
C2 SIA E . 21.14 34.94 10.98
C3 SIA E . 21.98 35.06 12.28
C4 SIA E . 23.46 35.39 12.12
C5 SIA E . 24.01 35.71 10.71
C6 SIA E . 23.07 35.26 9.56
C7 SIA E . 23.48 35.80 8.18
C8 SIA E . 22.55 35.26 7.04
C9 SIA E . 23.06 35.61 5.64
C10 SIA E . 26.49 35.77 10.44
C11 SIA E . 27.82 35.03 10.46
N5 SIA E . 25.35 35.10 10.69
O1A SIA E . 20.87 33.06 9.47
O1B SIA E . 20.41 32.70 11.57
O4 SIA E . 23.78 36.51 12.96
O6 SIA E . 21.70 35.63 9.82
O7 SIA E . 23.38 37.23 8.19
O8 SIA E . 22.35 33.83 7.11
O9 SIA E . 24.29 34.91 5.34
O10 SIA E . 26.45 36.97 10.18
#